data_6AFJ
#
_entry.id   6AFJ
#
_cell.length_a   75.140
_cell.length_b   75.140
_cell.length_c   75.910
_cell.angle_alpha   90.00
_cell.angle_beta   90.00
_cell.angle_gamma   120.00
#
_symmetry.space_group_name_H-M   'P 31 2 1'
#
loop_
_entity.id
_entity.type
_entity.pdbx_description
1 polymer 'Protein/nucleic acid deglycase DJ-1'
2 non-polymer 'butyl 2-[2,3-bis(oxidanylidene)indol-1-yl]ethanoate'
3 non-polymer 'CHLORIDE ION'
4 water water
#
_entity_poly.entity_id   1
_entity_poly.type   'polypeptide(L)'
_entity_poly.pdbx_seq_one_letter_code
;MASKRALVILAKGAEEMETVIPVDVMRRAGIKVTVAGLAGKDPVQCSRDVVICPDASLEDAKKEGPYDVVVLPGGNLGAQ
NLSESAAVKEILKEQENRKGLIAAICAGPTALLAHEIGFGSKVTTHPLAKDKMMNGGHYTYSENRVEKDGLILTSRGPGT
SFEFALAIVEALNGKEVAAQVKAPLVLKD
;
_entity_poly.pdbx_strand_id   A
#
loop_
_chem_comp.id
_chem_comp.type
_chem_comp.name
_chem_comp.formula
73G non-polymer 'butyl 2-[2,3-bis(oxidanylidene)indol-1-yl]ethanoate' 'C14 H15 N O4'
CL non-polymer 'CHLORIDE ION' 'Cl -1'
#
# COMPACT_ATOMS: atom_id res chain seq x y z
N ALA A 2 -0.21 4.25 -22.33
CA ALA A 2 -1.34 4.59 -21.41
C ALA A 2 -0.83 4.72 -19.98
N SER A 3 -1.45 5.60 -19.21
CA SER A 3 -1.06 5.84 -17.82
C SER A 3 -1.44 4.71 -16.89
N LYS A 4 -0.53 4.40 -15.98
CA LYS A 4 -0.84 3.43 -14.92
C LYS A 4 -1.75 4.07 -13.85
N ARG A 5 -2.48 3.23 -13.15
CA ARG A 5 -3.47 3.63 -12.19
C ARG A 5 -3.21 2.91 -10.87
N ALA A 6 -3.29 3.68 -9.78
CA ALA A 6 -3.07 3.20 -8.41
C ALA A 6 -4.29 3.43 -7.54
N LEU A 7 -4.67 2.43 -6.77
CA LEU A 7 -5.70 2.55 -5.76
C LEU A 7 -5.03 2.52 -4.38
N VAL A 8 -5.18 3.61 -3.64
CA VAL A 8 -4.64 3.71 -2.25
C VAL A 8 -5.84 3.68 -1.35
N ILE A 9 -5.93 2.63 -0.55
CA ILE A 9 -7.06 2.44 0.36
C ILE A 9 -6.81 3.08 1.70
N LEU A 10 -7.64 4.07 1.99
CA LEU A 10 -7.46 4.95 3.14
C LEU A 10 -8.52 4.69 4.25
N ALA A 11 -8.08 4.11 5.35
CA ALA A 11 -8.91 3.78 6.50
C ALA A 11 -8.59 4.66 7.66
N LYS A 12 -9.59 4.89 8.50
CA LYS A 12 -9.36 5.51 9.77
C LYS A 12 -8.19 4.87 10.50
N GLY A 13 -7.30 5.72 11.00
CA GLY A 13 -6.12 5.27 11.75
C GLY A 13 -4.93 4.94 10.85
N ALA A 14 -5.03 5.20 9.55
CA ALA A 14 -3.89 5.03 8.64
C ALA A 14 -2.77 5.92 9.09
N GLU A 15 -1.54 5.48 8.83
CA GLU A 15 -0.41 6.34 9.09
C GLU A 15 -0.37 7.34 7.93
N GLU A 16 -0.50 8.61 8.28
CA GLU A 16 -0.65 9.64 7.24
C GLU A 16 0.63 9.84 6.37
N MET A 17 1.81 9.63 6.96
CA MET A 17 3.04 9.71 6.16
C MET A 17 3.10 8.60 5.14
N GLU A 18 2.68 7.40 5.55
CA GLU A 18 2.70 6.24 4.68
C GLU A 18 1.62 6.29 3.59
N THR A 19 0.62 7.16 3.81
CA THR A 19 -0.42 7.40 2.84
C THR A 19 0.04 8.49 1.85
N VAL A 20 0.47 9.64 2.39
CA VAL A 20 0.78 10.80 1.56
C VAL A 20 2.06 10.65 0.73
N ILE A 21 3.11 10.02 1.27
CA ILE A 21 4.35 9.93 0.52
C ILE A 21 4.12 9.08 -0.77
N PRO A 22 3.50 7.88 -0.65
CA PRO A 22 3.28 7.14 -1.90
C PRO A 22 2.31 7.85 -2.87
N VAL A 23 1.25 8.47 -2.34
CA VAL A 23 0.32 9.20 -3.26
C VAL A 23 1.07 10.27 -4.06
N ASP A 24 1.82 11.09 -3.33
CA ASP A 24 2.55 12.21 -3.92
C ASP A 24 3.61 11.70 -4.92
N VAL A 25 4.47 10.77 -4.48
CA VAL A 25 5.49 10.25 -5.33
C VAL A 25 4.92 9.55 -6.60
N MET A 26 3.82 8.82 -6.43
CA MET A 26 3.22 8.17 -7.61
C MET A 26 2.66 9.20 -8.60
N ARG A 27 2.06 10.26 -8.06
CA ARG A 27 1.59 11.36 -8.92
C ARG A 27 2.75 12.05 -9.63
N ARG A 28 3.86 12.23 -8.95
CA ARG A 28 5.07 12.76 -9.58
C ARG A 28 5.55 11.90 -10.74
N ALA A 29 5.29 10.58 -10.62
CA ALA A 29 5.62 9.64 -11.67
C ALA A 29 4.59 9.57 -12.80
N GLY A 30 3.55 10.37 -12.75
CA GLY A 30 2.53 10.35 -13.82
C GLY A 30 1.55 9.21 -13.67
N ILE A 31 1.50 8.59 -12.49
CA ILE A 31 0.49 7.61 -12.19
C ILE A 31 -0.82 8.28 -11.79
N LYS A 32 -1.93 7.75 -12.29
CA LYS A 32 -3.23 8.23 -11.86
C LYS A 32 -3.63 7.53 -10.58
N VAL A 33 -3.61 8.29 -9.48
CA VAL A 33 -3.86 7.78 -8.16
C VAL A 33 -5.25 8.15 -7.63
N THR A 34 -5.98 7.12 -7.21
CA THR A 34 -7.21 7.31 -6.42
C THR A 34 -7.04 6.99 -4.95
N VAL A 35 -7.15 8.04 -4.14
CA VAL A 35 -7.24 7.92 -2.70
C VAL A 35 -8.69 7.56 -2.32
N ALA A 36 -8.88 6.31 -1.93
CA ALA A 36 -10.23 5.74 -1.72
C ALA A 36 -10.51 5.50 -0.25
N GLY A 37 -11.56 6.14 0.25
CA GLY A 37 -11.93 6.03 1.62
C GLY A 37 -12.62 4.71 1.88
N LEU A 38 -12.05 3.94 2.79
CA LEU A 38 -12.65 2.66 3.16
C LEU A 38 -14.10 2.83 3.64
N ALA A 39 -14.32 3.76 4.57
CA ALA A 39 -15.63 3.96 5.18
C ALA A 39 -16.66 4.72 4.31
N GLY A 40 -16.27 5.21 3.13
CA GLY A 40 -17.15 6.13 2.34
C GLY A 40 -16.38 7.36 1.84
N LYS A 41 -17.09 8.45 1.56
CA LYS A 41 -16.49 9.58 0.87
C LYS A 41 -15.98 10.69 1.80
N ASP A 42 -16.21 10.52 3.12
CA ASP A 42 -15.96 11.58 4.09
C ASP A 42 -14.49 11.61 4.48
N PRO A 43 -14.05 12.72 5.11
CA PRO A 43 -12.65 12.86 5.49
C PRO A 43 -12.24 11.79 6.50
N VAL A 44 -10.96 11.44 6.46
CA VAL A 44 -10.42 10.36 7.25
C VAL A 44 -9.43 10.90 8.25
N GLN A 45 -9.66 10.57 9.52
CA GLN A 45 -8.77 10.89 10.62
C GLN A 45 -7.65 9.86 10.70
N CYS A 46 -6.46 10.28 10.27
CA CYS A 46 -5.29 9.42 10.33
C CYS A 46 -4.73 9.28 11.75
N SER A 47 -3.71 8.42 11.89
CA SER A 47 -3.18 8.03 13.17
C SER A 47 -2.69 9.16 14.06
N ARG A 48 -2.10 10.17 13.43
CA ARG A 48 -1.55 11.34 14.15
C ARG A 48 -2.46 12.55 13.91
N ASP A 49 -3.73 12.28 13.65
CA ASP A 49 -4.78 13.29 13.59
C ASP A 49 -4.78 14.22 12.39
N VAL A 50 -3.89 13.97 11.41
CA VAL A 50 -4.03 14.57 10.16
C VAL A 50 -5.31 14.07 9.46
N VAL A 51 -6.09 14.99 8.91
CA VAL A 51 -7.36 14.68 8.28
C VAL A 51 -7.27 14.86 6.75
N ILE A 52 -7.49 13.75 6.05
CA ILE A 52 -7.34 13.70 4.63
C ILE A 52 -8.68 13.42 3.99
N CYS A 53 -9.01 14.21 2.98
CA CYS A 53 -10.25 14.03 2.22
C CYS A 53 -9.99 13.12 1.01
N PRO A 54 -10.59 11.90 1.04
CA PRO A 54 -10.38 10.99 -0.06
C PRO A 54 -10.98 11.49 -1.37
N ASP A 55 -10.41 11.02 -2.47
CA ASP A 55 -10.90 11.34 -3.79
C ASP A 55 -12.30 10.76 -4.06
N ALA A 56 -12.55 9.63 -3.40
CA ALA A 56 -13.75 8.84 -3.59
C ALA A 56 -13.89 7.85 -2.45
N SER A 57 -15.07 7.27 -2.36
CA SER A 57 -15.30 6.08 -1.56
C SER A 57 -14.63 4.89 -2.25
N LEU A 58 -14.29 3.90 -1.45
CA LEU A 58 -13.81 2.63 -1.99
C LEU A 58 -14.85 1.96 -2.91
N GLU A 59 -16.10 2.04 -2.46
CA GLU A 59 -17.24 1.47 -3.19
C GLU A 59 -17.24 2.03 -4.60
N ASP A 60 -17.08 3.36 -4.72
CA ASP A 60 -17.04 3.98 -6.05
C ASP A 60 -15.75 3.70 -6.81
N ALA A 61 -14.59 3.78 -6.14
CA ALA A 61 -13.33 3.53 -6.85
C ALA A 61 -13.26 2.11 -7.40
N LYS A 62 -13.86 1.17 -6.68
CA LYS A 62 -13.89 -0.22 -7.15
C LYS A 62 -14.58 -0.36 -8.51
N LYS A 63 -15.56 0.49 -8.78
CA LYS A 63 -16.29 0.42 -10.05
C LYS A 63 -15.41 0.83 -11.22
N GLU A 64 -14.37 1.62 -10.92
CA GLU A 64 -13.47 2.10 -11.95
C GLU A 64 -12.24 1.19 -12.04
N GLY A 65 -12.25 0.09 -11.29
CA GLY A 65 -11.16 -0.91 -11.35
C GLY A 65 -11.15 -1.67 -12.67
N PRO A 66 -10.16 -2.55 -12.85
CA PRO A 66 -9.06 -2.76 -11.91
C PRO A 66 -7.88 -1.77 -12.07
N TYR A 67 -6.95 -1.87 -11.15
CA TYR A 67 -5.79 -0.99 -10.99
C TYR A 67 -4.44 -1.72 -11.20
N ASP A 68 -3.41 -1.00 -11.63
CA ASP A 68 -2.09 -1.55 -11.82
C ASP A 68 -1.39 -1.84 -10.49
N VAL A 69 -1.78 -1.11 -9.46
CA VAL A 69 -1.34 -1.36 -8.10
C VAL A 69 -2.46 -1.05 -7.09
N VAL A 70 -2.55 -1.86 -6.06
CA VAL A 70 -3.33 -1.61 -4.89
C VAL A 70 -2.36 -1.40 -3.74
N VAL A 71 -2.50 -0.24 -3.07
CA VAL A 71 -1.58 0.16 -2.01
C VAL A 71 -2.28 0.20 -0.66
N LEU A 72 -1.65 -0.45 0.32
CA LEU A 72 -2.14 -0.52 1.66
C LEU A 72 -1.15 0.19 2.60
N PRO A 73 -1.49 1.43 3.03
CA PRO A 73 -0.71 2.08 4.07
C PRO A 73 -0.73 1.30 5.38
N GLY A 74 0.16 1.63 6.31
CA GLY A 74 0.12 1.05 7.65
C GLY A 74 -0.59 1.97 8.62
N GLY A 75 -0.05 2.02 9.83
CA GLY A 75 -0.80 2.46 11.00
C GLY A 75 -1.53 1.27 11.61
N ASN A 76 -1.41 1.09 12.92
CA ASN A 76 -1.95 -0.12 13.57
C ASN A 76 -3.45 -0.21 13.33
N LEU A 77 -4.16 0.87 13.61
CA LEU A 77 -5.59 0.86 13.54
C LEU A 77 -6.07 0.91 12.06
N GLY A 78 -5.30 1.57 11.21
CA GLY A 78 -5.57 1.54 9.78
C GLY A 78 -5.48 0.14 9.21
N ALA A 79 -4.39 -0.54 9.54
CA ALA A 79 -4.18 -1.91 9.04
C ALA A 79 -5.22 -2.86 9.59
N GLN A 80 -5.63 -2.67 10.84
N GLN A 80 -5.63 -2.68 10.83
CA GLN A 80 -6.69 -3.50 11.42
CA GLN A 80 -6.70 -3.51 11.41
C GLN A 80 -8.00 -3.29 10.65
C GLN A 80 -8.01 -3.29 10.65
N ASN A 81 -8.33 -2.03 10.34
CA ASN A 81 -9.54 -1.75 9.54
C ASN A 81 -9.45 -2.37 8.17
N LEU A 82 -8.28 -2.29 7.53
CA LEU A 82 -8.14 -2.95 6.24
C LEU A 82 -8.30 -4.49 6.38
N SER A 83 -7.72 -5.05 7.43
CA SER A 83 -7.74 -6.52 7.71
C SER A 83 -9.14 -7.06 7.91
N GLU A 84 -10.00 -6.24 8.51
CA GLU A 84 -11.37 -6.62 8.84
C GLU A 84 -12.38 -6.41 7.70
N SER A 85 -11.96 -5.80 6.60
CA SER A 85 -12.86 -5.40 5.54
C SER A 85 -13.07 -6.46 4.47
N ALA A 86 -14.33 -6.90 4.33
CA ALA A 86 -14.70 -7.77 3.22
C ALA A 86 -14.45 -7.11 1.87
N ALA A 87 -14.68 -5.80 1.77
CA ALA A 87 -14.43 -5.11 0.52
C ALA A 87 -12.94 -5.17 0.15
N VAL A 88 -12.08 -4.98 1.14
CA VAL A 88 -10.63 -5.11 0.87
C VAL A 88 -10.28 -6.53 0.47
N LYS A 89 -10.88 -7.51 1.14
CA LYS A 89 -10.64 -8.91 0.78
C LYS A 89 -10.88 -9.14 -0.72
N GLU A 90 -12.05 -8.68 -1.19
CA GLU A 90 -12.45 -8.90 -2.56
C GLU A 90 -11.50 -8.20 -3.53
N ILE A 91 -11.14 -6.96 -3.19
CA ILE A 91 -10.23 -6.22 -4.04
C ILE A 91 -8.85 -6.91 -4.15
N LEU A 92 -8.34 -7.39 -3.03
CA LEU A 92 -7.02 -8.01 -3.06
C LEU A 92 -7.00 -9.37 -3.74
N LYS A 93 -8.06 -10.14 -3.51
CA LYS A 93 -8.19 -11.46 -4.18
C LYS A 93 -8.25 -11.27 -5.69
N GLU A 94 -9.07 -10.29 -6.12
CA GLU A 94 -9.15 -9.99 -7.56
C GLU A 94 -7.79 -9.57 -8.10
N GLN A 95 -7.12 -8.65 -7.38
CA GLN A 95 -5.81 -8.20 -7.84
C GLN A 95 -4.77 -9.32 -7.97
N GLU A 96 -4.73 -10.18 -6.95
CA GLU A 96 -3.81 -11.29 -6.97
C GLU A 96 -4.13 -12.22 -8.15
N ASN A 97 -5.42 -12.50 -8.34
CA ASN A 97 -5.84 -13.45 -9.38
C ASN A 97 -5.46 -12.94 -10.78
N ARG A 98 -5.52 -11.63 -10.98
CA ARG A 98 -5.16 -11.01 -12.26
C ARG A 98 -3.68 -10.68 -12.41
N LYS A 99 -2.88 -11.08 -11.42
CA LYS A 99 -1.42 -10.85 -11.46
C LYS A 99 -1.14 -9.35 -11.51
N GLY A 100 -1.87 -8.61 -10.69
CA GLY A 100 -1.54 -7.21 -10.48
C GLY A 100 -0.78 -6.99 -9.19
N LEU A 101 0.00 -5.91 -9.17
CA LEU A 101 0.83 -5.58 -8.03
C LEU A 101 0.00 -5.19 -6.80
N ILE A 102 0.47 -5.64 -5.65
CA ILE A 102 -0.08 -5.25 -4.35
C ILE A 102 1.11 -4.79 -3.52
N ALA A 103 0.96 -3.61 -2.91
CA ALA A 103 2.04 -2.98 -2.16
C ALA A 103 1.51 -2.61 -0.78
N ALA A 104 2.27 -2.95 0.27
CA ALA A 104 1.84 -2.72 1.64
C ALA A 104 3.01 -2.36 2.53
N ILE A 105 2.80 -1.42 3.45
CA ILE A 105 3.88 -0.90 4.29
C ILE A 105 3.51 -0.88 5.78
N CYS A 106 4.53 -1.17 6.58
CA CYS A 106 4.50 -1.04 8.04
C CYS A 106 3.66 -2.18 8.64
N ALA A 107 2.48 -1.90 9.24
CA ALA A 107 1.51 -2.95 9.61
C ALA A 107 0.59 -3.35 8.44
N GLY A 108 0.62 -2.57 7.35
CA GLY A 108 -0.20 -2.87 6.19
C GLY A 108 -0.11 -4.30 5.70
N PRO A 109 1.08 -4.93 5.68
CA PRO A 109 1.17 -6.28 5.15
C PRO A 109 0.35 -7.27 5.98
N THR A 110 0.04 -6.96 7.24
CA THR A 110 -0.80 -7.86 8.05
C THR A 110 -2.20 -8.03 7.45
N ALA A 111 -2.67 -7.05 6.68
CA ALA A 111 -3.92 -7.25 5.91
C ALA A 111 -3.79 -8.36 4.85
N LEU A 112 -2.61 -8.53 4.28
CA LEU A 112 -2.38 -9.63 3.35
C LEU A 112 -2.58 -10.95 4.06
N LEU A 113 -2.08 -11.06 5.28
CA LEU A 113 -2.30 -12.29 6.04
C LEU A 113 -3.79 -12.51 6.28
N ALA A 114 -4.48 -11.48 6.74
CA ALA A 114 -5.88 -11.60 7.08
C ALA A 114 -6.74 -12.06 5.91
N HIS A 115 -6.36 -11.62 4.71
CA HIS A 115 -7.10 -11.92 3.49
C HIS A 115 -6.51 -13.07 2.68
N GLU A 116 -5.54 -13.76 3.25
CA GLU A 116 -4.87 -14.91 2.62
C GLU A 116 -4.25 -14.62 1.25
N ILE A 117 -3.52 -13.52 1.17
CA ILE A 117 -2.94 -13.05 -0.06
C ILE A 117 -1.42 -13.27 -0.08
N GLY A 118 -0.92 -13.81 -1.19
CA GLY A 118 0.51 -13.88 -1.43
C GLY A 118 1.24 -14.85 -0.54
N PHE A 119 0.54 -15.85 -0.01
CA PHE A 119 1.21 -16.82 0.85
C PHE A 119 2.46 -17.40 0.16
N GLY A 120 3.50 -17.62 0.97
CA GLY A 120 4.75 -18.11 0.47
C GLY A 120 5.73 -17.02 0.06
N SER A 121 5.25 -15.78 -0.01
CA SER A 121 6.12 -14.67 -0.39
C SER A 121 7.11 -14.33 0.71
N LYS A 122 8.24 -13.76 0.28
CA LYS A 122 9.16 -13.06 1.13
C LYS A 122 8.57 -11.67 1.36
N VAL A 123 8.44 -11.28 2.63
CA VAL A 123 7.86 -10.03 3.02
C VAL A 123 8.65 -9.37 4.12
N THR A 124 8.49 -8.04 4.23
CA THR A 124 8.86 -7.32 5.42
C THR A 124 7.67 -6.55 5.98
N THR A 125 7.85 -6.09 7.23
CA THR A 125 6.89 -5.30 7.93
C THR A 125 7.64 -4.38 8.88
N HIS A 126 6.91 -3.54 9.59
CA HIS A 126 7.52 -2.88 10.72
C HIS A 126 8.01 -3.98 11.70
N PRO A 127 9.15 -3.74 12.35
CA PRO A 127 9.60 -4.72 13.34
C PRO A 127 8.53 -5.14 14.36
N LEU A 128 7.69 -4.19 14.78
CA LEU A 128 6.63 -4.48 15.77
C LEU A 128 5.49 -5.33 15.23
N ALA A 129 5.35 -5.39 13.90
CA ALA A 129 4.30 -6.15 13.25
C ALA A 129 4.77 -7.52 12.78
N LYS A 130 6.03 -7.88 13.01
CA LYS A 130 6.57 -9.16 12.52
C LYS A 130 5.79 -10.35 13.08
N ASP A 131 5.61 -10.38 14.40
CA ASP A 131 4.99 -11.55 15.00
C ASP A 131 3.58 -11.77 14.47
N LYS A 132 2.82 -10.68 14.28
CA LYS A 132 1.47 -10.81 13.75
C LYS A 132 1.54 -11.37 12.32
N MET A 133 2.41 -10.80 11.51
CA MET A 133 2.54 -11.21 10.11
C MET A 133 2.95 -12.67 9.96
N MET A 134 3.80 -13.12 10.88
CA MET A 134 4.39 -14.45 10.80
C MET A 134 3.58 -15.52 11.53
N ASN A 135 2.40 -15.20 12.04
CA ASN A 135 1.56 -16.15 12.74
C ASN A 135 1.11 -17.24 11.77
N GLY A 136 1.61 -18.47 11.97
CA GLY A 136 1.33 -19.58 11.04
C GLY A 136 2.45 -19.88 10.05
N GLY A 137 3.48 -19.01 9.99
CA GLY A 137 4.60 -19.23 9.09
C GLY A 137 4.23 -19.24 7.62
N HIS A 138 3.24 -18.41 7.26
CA HIS A 138 2.73 -18.35 5.87
C HIS A 138 3.57 -17.54 4.87
N TYR A 139 4.53 -16.79 5.38
CA TYR A 139 5.44 -16.00 4.62
C TYR A 139 6.83 -16.26 5.17
N THR A 140 7.84 -15.82 4.41
CA THR A 140 9.21 -15.80 4.90
C THR A 140 9.57 -14.34 5.18
N TYR A 141 10.19 -14.10 6.33
CA TYR A 141 10.43 -12.73 6.78
C TYR A 141 11.78 -12.18 6.34
N SER A 142 11.77 -10.90 5.99
CA SER A 142 12.94 -10.18 5.54
C SER A 142 13.08 -8.89 6.37
N GLU A 143 14.33 -8.48 6.58
CA GLU A 143 14.64 -7.23 7.22
C GLU A 143 15.06 -6.15 6.21
N ASN A 144 14.92 -6.45 4.91
CA ASN A 144 15.17 -5.43 3.91
C ASN A 144 14.16 -4.28 4.04
N ARG A 145 14.64 -3.08 3.73
CA ARG A 145 13.82 -1.89 3.89
C ARG A 145 12.61 -1.91 2.94
N VAL A 146 12.83 -2.45 1.73
CA VAL A 146 11.76 -2.78 0.78
C VAL A 146 12.03 -4.21 0.32
N GLU A 147 10.94 -4.98 0.23
CA GLU A 147 11.03 -6.35 -0.24
C GLU A 147 10.06 -6.46 -1.41
N LYS A 148 10.55 -6.80 -2.61
CA LYS A 148 9.66 -7.09 -3.73
C LYS A 148 9.83 -8.56 -4.09
N ASP A 149 8.78 -9.34 -3.93
CA ASP A 149 8.80 -10.73 -4.31
C ASP A 149 7.67 -10.89 -5.32
N GLY A 150 8.04 -10.80 -6.60
CA GLY A 150 7.03 -10.87 -7.64
C GLY A 150 6.08 -9.69 -7.50
N LEU A 151 4.80 -9.99 -7.38
CA LEU A 151 3.75 -8.96 -7.32
C LEU A 151 3.29 -8.63 -5.90
N ILE A 152 4.10 -9.03 -4.91
CA ILE A 152 3.87 -8.61 -3.50
C ILE A 152 5.07 -7.74 -3.07
N LEU A 153 4.78 -6.47 -2.80
CA LEU A 153 5.82 -5.49 -2.52
C LEU A 153 5.54 -4.94 -1.14
N THR A 154 6.49 -5.11 -0.23
CA THR A 154 6.27 -4.71 1.16
C THR A 154 7.42 -3.83 1.65
N SER A 155 7.14 -3.11 2.74
CA SER A 155 8.16 -2.22 3.31
C SER A 155 7.87 -1.96 4.78
N ARG A 156 8.82 -1.31 5.46
CA ARG A 156 8.86 -1.37 6.93
C ARG A 156 8.20 -0.24 7.72
N GLY A 157 8.30 1.01 7.30
CA GLY A 157 7.84 2.09 8.18
C GLY A 157 7.82 3.43 7.51
N PRO A 158 7.47 4.48 8.29
CA PRO A 158 7.42 5.81 7.71
C PRO A 158 8.74 6.16 7.01
N GLY A 159 9.86 5.80 7.65
CA GLY A 159 11.20 6.11 7.16
C GLY A 159 11.62 5.34 5.95
N THR A 160 10.83 4.31 5.54
CA THR A 160 11.09 3.62 4.30
C THR A 160 10.05 3.96 3.22
N SER A 161 9.19 4.96 3.48
CA SER A 161 8.06 5.27 2.58
C SER A 161 8.54 5.78 1.21
N PHE A 162 9.62 6.56 1.18
CA PHE A 162 10.12 7.03 -0.13
C PHE A 162 10.62 5.85 -0.93
N GLU A 163 11.39 4.98 -0.28
CA GLU A 163 11.92 3.81 -0.95
C GLU A 163 10.79 2.89 -1.48
N PHE A 164 9.79 2.71 -0.65
CA PHE A 164 8.58 1.94 -1.01
C PHE A 164 7.91 2.57 -2.22
N ALA A 165 7.66 3.87 -2.15
CA ALA A 165 7.00 4.52 -3.25
C ALA A 165 7.79 4.45 -4.55
N LEU A 166 9.09 4.66 -4.47
CA LEU A 166 9.92 4.60 -5.66
C LEU A 166 10.02 3.18 -6.22
N ALA A 167 9.91 2.17 -5.36
CA ALA A 167 9.85 0.79 -5.83
C ALA A 167 8.56 0.52 -6.61
N ILE A 168 7.44 1.06 -6.16
CA ILE A 168 6.18 0.99 -6.88
C ILE A 168 6.38 1.65 -8.24
N VAL A 169 6.94 2.85 -8.24
CA VAL A 169 7.14 3.58 -9.48
C VAL A 169 8.00 2.75 -10.45
N GLU A 170 9.10 2.19 -9.96
CA GLU A 170 9.96 1.37 -10.77
C GLU A 170 9.22 0.16 -11.34
N ALA A 171 8.37 -0.47 -10.54
CA ALA A 171 7.65 -1.66 -10.96
C ALA A 171 6.67 -1.36 -12.09
N LEU A 172 6.05 -0.19 -12.01
CA LEU A 172 5.01 0.22 -12.95
C LEU A 172 5.58 0.94 -14.19
N ASN A 173 6.49 1.88 -13.95
CA ASN A 173 6.94 2.77 -14.99
C ASN A 173 8.41 2.65 -15.38
N GLY A 174 9.16 1.78 -14.67
CA GLY A 174 10.56 1.52 -14.96
C GLY A 174 11.58 2.32 -14.16
N LYS A 175 12.81 1.81 -14.19
CA LYS A 175 13.95 2.33 -13.49
C LYS A 175 14.20 3.81 -13.80
N GLU A 176 14.07 4.18 -15.08
CA GLU A 176 14.49 5.50 -15.50
C GLU A 176 13.52 6.54 -14.96
N VAL A 177 12.22 6.26 -15.05
CA VAL A 177 11.22 7.17 -14.48
C VAL A 177 11.44 7.28 -12.97
N ALA A 178 11.65 6.16 -12.29
CA ALA A 178 11.87 6.24 -10.85
C ALA A 178 13.08 7.15 -10.52
N ALA A 179 14.18 7.02 -11.26
CA ALA A 179 15.36 7.85 -11.04
C ALA A 179 15.06 9.33 -11.27
N GLN A 180 14.32 9.61 -12.35
CA GLN A 180 13.95 10.99 -12.64
C GLN A 180 13.07 11.61 -11.56
N VAL A 181 12.13 10.82 -11.04
CA VAL A 181 11.24 11.29 -9.98
C VAL A 181 12.05 11.47 -8.68
N LYS A 182 12.98 10.59 -8.44
CA LYS A 182 13.79 10.63 -7.20
C LYS A 182 14.64 11.88 -7.07
N ALA A 183 15.27 12.32 -8.16
CA ALA A 183 16.33 13.32 -8.04
C ALA A 183 15.85 14.62 -7.39
N PRO A 184 14.70 15.15 -7.81
CA PRO A 184 14.25 16.42 -7.19
C PRO A 184 13.83 16.31 -5.73
N LEU A 185 13.70 15.09 -5.22
CA LEU A 185 13.20 14.93 -3.86
C LEU A 185 14.27 15.20 -2.78
N VAL A 186 15.53 15.21 -3.16
CA VAL A 186 16.65 15.43 -2.22
C VAL A 186 16.69 14.29 -1.19
N LEU A 187 16.72 13.07 -1.71
CA LEU A 187 16.85 11.86 -0.87
C LEU A 187 18.31 11.53 -0.66
N LYS A 188 18.64 10.91 0.47
CA LYS A 188 20.04 10.51 0.72
C LYS A 188 20.33 9.32 -0.20
O10 73G B . 1.79 0.42 11.02
C8 73G B . 2.69 0.88 11.73
C9 73G B . 3.70 1.78 11.33
O11 73G B . 3.18 2.88 10.60
C1 73G B . 4.42 2.06 12.51
C2 73G B . 5.44 2.94 12.77
C3 73G B . 6.01 2.99 14.07
C4 73G B . 5.48 2.08 15.00
C5 73G B . 4.45 1.21 14.68
C6 73G B . 3.96 1.20 13.45
N7 73G B . 2.94 0.46 12.96
CA 73G B . 1.94 -0.35 13.63
C 73G B . 2.52 -1.65 14.15
O 73G B . 3.55 -2.13 13.69
O12 73G B . 1.83 -2.20 15.20
C13 73G B . 2.18 -3.55 15.41
C14 73G B . 0.90 -4.17 15.93
C15 73G B . 0.64 -5.39 15.08
C16 73G B . -0.11 -4.90 13.81
CL CL C . -0.32 3.77 14.21
CL CL C . 0.83 3.06 14.57
#